data_6PI9
#
_entry.id   6PI9
#
_cell.length_a   77.637
_cell.length_b   77.637
_cell.length_c   96.926
_cell.angle_alpha   90.00
_cell.angle_beta   90.00
_cell.angle_gamma   90.00
#
_symmetry.space_group_name_H-M   'P 41 2 2'
#
loop_
_entity.id
_entity.type
_entity.pdbx_description
1 polymer '16S rRNA (guanine(1405)-N(7))-methyltransferase'
2 non-polymer S-ADENOSYL-L-HOMOCYSTEINE
3 water water
#
_entity_poly.entity_id   1
_entity_poly.type   'polypeptide(L)'
_entity_poly.pdbx_seq_one_letter_code
;GMDERAQAALDALLSAKNLRDVCPETVRRVFMELLPRYRKPKDAEKAARTHLHQITGAFMTADAQKKARALLARWNEGDE
SALAAALSLHASTRERLPGADEWMRRVSPFLGADARVLDLACGLNPILLGSMGVTNALGMDIHLGCVRLVNETARARGWH
TRARACDLLSEIPAEEADAALLMKLLPVLEAQKTGRAAELLASLRAPRLVVTFPTRTLGGRGVGMEKHYADWFERILPDT
LSVRDRFTVSDELVYLVERT
;
_entity_poly.pdbx_strand_id   A
#
# COMPACT_ATOMS: atom_id res chain seq x y z
N GLY A 1 -3.91 -10.28 32.93
CA GLY A 1 -4.99 -9.69 32.14
C GLY A 1 -4.72 -8.24 31.77
N MET A 2 -5.70 -7.64 31.10
CA MET A 2 -5.62 -6.25 30.64
C MET A 2 -6.33 -5.31 31.63
N ASP A 3 -5.76 -4.12 31.82
CA ASP A 3 -6.40 -3.10 32.64
C ASP A 3 -7.70 -2.63 32.00
N GLU A 4 -8.71 -2.33 32.83
CA GLU A 4 -10.05 -2.01 32.33
C GLU A 4 -10.07 -0.65 31.64
N ARG A 5 -9.40 0.33 32.23
CA ARG A 5 -9.28 1.63 31.58
C ARG A 5 -8.44 1.57 30.32
N ALA A 6 -7.44 0.69 30.27
CA ALA A 6 -6.78 0.47 28.97
C ALA A 6 -7.74 -0.11 27.95
N GLN A 7 -8.63 -1.02 28.38
CA GLN A 7 -9.52 -1.64 27.40
C GLN A 7 -10.55 -0.63 26.91
N ALA A 8 -10.98 0.27 27.78
CA ALA A 8 -11.91 1.31 27.37
C ALA A 8 -11.27 2.20 26.30
N ALA A 9 -9.99 2.53 26.48
CA ALA A 9 -9.33 3.32 25.45
C ALA A 9 -9.19 2.54 24.14
N LEU A 10 -8.77 1.27 24.22
CA LEU A 10 -8.76 0.44 23.01
C LEU A 10 -10.14 0.36 22.39
N ASP A 11 -11.18 0.19 23.21
CA ASP A 11 -12.55 0.13 22.68
C ASP A 11 -12.91 1.41 21.93
N ALA A 12 -12.47 2.58 22.43
CA ALA A 12 -12.73 3.82 21.71
C ALA A 12 -12.03 3.86 20.38
N LEU A 13 -10.93 3.20 20.28
CA LEU A 13 -10.27 3.16 19.05
C LEU A 13 -11.01 2.20 18.13
N LEU A 14 -11.32 1.02 18.62
CA LEU A 14 -11.93 0.00 17.77
C LEU A 14 -13.32 0.39 17.28
N SER A 15 -14.04 1.26 18.03
CA SER A 15 -15.38 1.68 17.61
C SER A 15 -15.37 2.98 16.82
N ALA A 16 -14.20 3.52 16.48
CA ALA A 16 -14.14 4.83 15.82
C ALA A 16 -14.58 4.74 14.36
N LYS A 17 -15.43 5.68 13.90
CA LYS A 17 -15.88 5.65 12.50
C LYS A 17 -14.70 5.62 11.55
N ASN A 18 -13.68 6.44 11.83
CA ASN A 18 -12.50 6.55 10.98
C ASN A 18 -11.71 5.29 10.89
N LEU A 19 -11.84 4.39 11.86
CA LEU A 19 -11.04 3.18 11.81
C LEU A 19 -11.87 1.99 11.42
N ARG A 20 -13.13 2.19 11.02
CA ARG A 20 -14.04 1.06 10.88
C ARG A 20 -13.59 0.05 9.83
N ASP A 21 -12.73 0.47 8.90
CA ASP A 21 -12.27 -0.37 7.80
C ASP A 21 -10.80 -0.77 7.92
N VAL A 22 -10.14 -0.47 9.03
CA VAL A 22 -8.80 -0.99 9.31
C VAL A 22 -8.90 -2.36 9.98
N CYS A 23 -8.02 -3.28 9.57
CA CYS A 23 -7.91 -4.59 10.21
CA CYS A 23 -7.91 -4.58 10.20
C CYS A 23 -7.90 -4.46 11.73
N PRO A 24 -8.87 -5.06 12.46
CA PRO A 24 -8.87 -4.88 13.93
C PRO A 24 -7.60 -5.35 14.62
N GLU A 25 -7.02 -6.47 14.16
CA GLU A 25 -5.77 -6.93 14.76
C GLU A 25 -4.66 -5.90 14.61
N THR A 26 -4.66 -5.12 13.52
CA THR A 26 -3.67 -4.05 13.38
C THR A 26 -3.90 -2.92 14.36
N VAL A 27 -5.16 -2.50 14.52
CA VAL A 27 -5.48 -1.47 15.51
C VAL A 27 -4.98 -1.92 16.87
N ARG A 28 -5.34 -3.14 17.28
CA ARG A 28 -4.93 -3.65 18.57
C ARG A 28 -3.40 -3.72 18.72
N ARG A 29 -2.70 -4.23 17.69
CA ARG A 29 -1.24 -4.30 17.74
C ARG A 29 -0.61 -2.93 17.96
N VAL A 30 -1.07 -1.93 17.18
CA VAL A 30 -0.51 -0.58 17.33
C VAL A 30 -0.78 -0.05 18.73
N PHE A 31 -1.99 -0.24 19.21
CA PHE A 31 -2.28 0.30 20.53
C PHE A 31 -1.44 -0.39 21.60
N MET A 32 -1.31 -1.72 21.53
CA MET A 32 -0.55 -2.41 22.58
C MET A 32 0.95 -2.08 22.53
N GLU A 33 1.48 -1.77 21.35
CA GLU A 33 2.87 -1.30 21.28
C GLU A 33 3.03 0.04 21.97
N LEU A 34 1.99 0.88 21.93
CA LEU A 34 2.11 2.24 22.51
C LEU A 34 1.70 2.29 23.96
N LEU A 35 0.83 1.38 24.35
CA LEU A 35 0.29 1.39 25.71
C LEU A 35 1.35 1.42 26.77
N PRO A 36 2.53 0.81 26.67
CA PRO A 36 3.50 0.97 27.77
C PRO A 36 4.27 2.26 27.76
N ARG A 37 4.11 3.11 26.76
CA ARG A 37 4.80 4.40 26.76
C ARG A 37 4.02 5.61 27.36
N TYR A 38 2.74 5.55 27.79
CA TYR A 38 1.98 6.74 28.29
C TYR A 38 1.49 6.30 29.68
N ARG A 39 1.38 7.16 30.65
CA ARG A 39 0.67 6.80 31.87
C ARG A 39 -0.84 6.75 31.63
N LYS A 40 -1.39 7.62 30.83
CA LYS A 40 -2.83 7.70 30.67
C LYS A 40 -3.21 6.88 29.45
N PRO A 41 -4.06 5.86 29.56
CA PRO A 41 -4.39 5.11 28.34
C PRO A 41 -5.04 5.97 27.28
N LYS A 42 -5.72 7.07 27.67
CA LYS A 42 -6.27 7.99 26.67
C LYS A 42 -5.17 8.67 25.86
N ASP A 43 -3.98 8.87 26.44
CA ASP A 43 -2.84 9.34 25.64
C ASP A 43 -2.31 8.25 24.70
N ALA A 44 -2.32 6.98 25.14
CA ALA A 44 -1.96 5.91 24.22
C ALA A 44 -2.94 5.82 23.06
N GLU A 45 -4.23 6.06 23.35
CA GLU A 45 -5.27 6.08 22.33
C GLU A 45 -5.00 7.19 21.31
N LYS A 46 -4.76 8.42 21.78
CA LYS A 46 -4.44 9.48 20.84
C LYS A 46 -3.20 9.14 20.03
N ALA A 47 -2.17 8.60 20.69
CA ALA A 47 -0.95 8.23 19.93
C ALA A 47 -1.25 7.15 18.90
N ALA A 48 -2.15 6.24 19.22
CA ALA A 48 -2.45 5.16 18.28
C ALA A 48 -3.26 5.71 17.12
N ARG A 49 -4.18 6.62 17.41
CA ARG A 49 -4.92 7.25 16.33
C ARG A 49 -3.97 7.96 15.38
N THR A 50 -3.01 8.71 15.93
CA THR A 50 -2.04 9.39 15.05
C THR A 50 -1.25 8.40 14.21
N HIS A 51 -0.70 7.36 14.85
CA HIS A 51 0.04 6.29 14.16
CA HIS A 51 0.05 6.35 14.13
C HIS A 51 -0.78 5.68 13.04
N LEU A 52 -2.03 5.29 13.36
CA LEU A 52 -2.89 4.63 12.39
C LEU A 52 -3.22 5.56 11.23
N HIS A 53 -3.44 6.87 11.52
CA HIS A 53 -3.66 7.82 10.44
C HIS A 53 -2.42 7.91 9.54
N GLN A 54 -1.22 7.92 10.15
CA GLN A 54 0.01 8.05 9.37
C GLN A 54 0.22 6.83 8.47
N ILE A 55 -0.11 5.62 8.97
CA ILE A 55 0.21 4.46 8.15
C ILE A 55 -0.89 4.07 7.18
N THR A 56 -2.15 4.43 7.45
CA THR A 56 -3.18 4.07 6.47
C THR A 56 -4.29 5.12 6.25
N GLY A 57 -4.77 5.80 7.31
CA GLY A 57 -5.94 6.68 7.16
C GLY A 57 -5.75 7.87 6.25
N ALA A 58 -4.53 8.42 6.16
CA ALA A 58 -4.35 9.68 5.45
C ALA A 58 -4.54 9.54 3.95
N PHE A 59 -4.42 8.32 3.41
CA PHE A 59 -4.49 8.16 1.96
C PHE A 59 -5.91 8.20 1.44
N MET A 60 -6.89 7.78 2.25
CA MET A 60 -8.27 7.75 1.78
C MET A 60 -9.22 7.94 2.96
N THR A 61 -10.13 8.90 2.84
CA THR A 61 -11.10 9.14 3.92
C THR A 61 -12.24 8.12 3.86
N ALA A 62 -13.11 8.18 4.88
CA ALA A 62 -14.20 7.21 5.04
C ALA A 62 -15.29 7.40 3.98
N ASP A 63 -15.72 8.64 3.74
CA ASP A 63 -16.80 8.85 2.79
C ASP A 63 -16.31 8.93 1.35
N ALA A 64 -15.05 9.30 1.12
CA ALA A 64 -14.47 9.15 -0.22
C ALA A 64 -14.49 7.69 -0.66
N GLN A 65 -14.63 6.77 0.29
CA GLN A 65 -14.72 5.35 -0.05
C GLN A 65 -16.09 4.99 -0.61
N LYS A 66 -17.17 5.51 -0.03
CA LYS A 66 -18.48 5.35 -0.66
C LYS A 66 -18.53 6.09 -1.98
N LYS A 67 -17.89 7.26 -2.05
CA LYS A 67 -17.82 7.99 -3.32
C LYS A 67 -17.08 7.18 -4.38
N ALA A 68 -15.93 6.59 -4.01
CA ALA A 68 -15.22 5.72 -4.93
C ALA A 68 -16.08 4.53 -5.35
N ARG A 69 -16.86 4.00 -4.41
CA ARG A 69 -17.76 2.87 -4.70
C ARG A 69 -18.72 3.23 -5.83
N ALA A 70 -19.36 4.39 -5.74
CA ALA A 70 -20.37 4.78 -6.71
C ALA A 70 -19.76 5.15 -8.05
N LEU A 71 -18.55 5.70 -8.05
CA LEU A 71 -17.87 6.03 -9.30
C LEU A 71 -17.48 4.77 -10.08
N LEU A 72 -16.89 3.79 -9.39
CA LEU A 72 -16.47 2.56 -10.07
C LEU A 72 -17.67 1.80 -10.63
N ALA A 73 -18.85 1.98 -10.04
CA ALA A 73 -20.05 1.37 -10.58
C ALA A 73 -20.42 1.99 -11.93
N ARG A 74 -20.21 3.30 -12.06
CA ARG A 74 -20.46 3.96 -13.33
C ARG A 74 -19.41 3.62 -14.38
N TRP A 75 -18.23 3.16 -13.95
CA TRP A 75 -17.20 2.80 -14.92
C TRP A 75 -17.50 1.45 -15.57
N ASN A 76 -18.03 0.50 -14.81
CA ASN A 76 -18.38 -0.77 -15.44
C ASN A 76 -19.55 -0.61 -16.41
N GLU A 77 -20.27 0.51 -16.38
CA GLU A 77 -21.22 0.81 -17.44
C GLU A 77 -20.51 0.99 -18.78
N GLY A 78 -19.26 1.46 -18.74
CA GLY A 78 -18.50 1.66 -19.95
C GLY A 78 -18.85 2.93 -20.68
N ASP A 79 -19.42 3.91 -19.95
CA ASP A 79 -19.88 5.15 -20.54
C ASP A 79 -19.13 6.28 -19.87
N GLU A 80 -19.16 6.22 -18.55
CA GLU A 80 -18.71 7.33 -17.72
C GLU A 80 -17.21 7.52 -17.82
N SER A 81 -16.45 6.43 -17.66
CA SER A 81 -15.00 6.53 -17.53
C SER A 81 -14.63 7.51 -16.42
N ALA A 82 -15.43 7.48 -15.34
CA ALA A 82 -15.02 8.09 -14.09
C ALA A 82 -14.08 7.14 -13.37
N LEU A 83 -13.52 6.18 -14.10
CA LEU A 83 -12.44 5.36 -13.54
C LEU A 83 -11.30 6.24 -13.06
N ALA A 84 -10.94 7.26 -13.83
CA ALA A 84 -9.98 8.24 -13.37
C ALA A 84 -10.48 8.96 -12.13
N ALA A 85 -11.79 9.22 -12.07
CA ALA A 85 -12.35 9.96 -10.95
C ALA A 85 -12.31 9.14 -9.66
N ALA A 86 -12.48 7.82 -9.75
CA ALA A 86 -12.43 7.00 -8.55
C ALA A 86 -10.99 6.84 -8.06
N LEU A 87 -10.09 6.45 -8.97
CA LEU A 87 -8.71 6.23 -8.60
C LEU A 87 -8.06 7.49 -8.04
N SER A 88 -8.61 8.66 -8.38
CA SER A 88 -8.19 9.95 -7.83
C SER A 88 -8.51 10.10 -6.35
N LEU A 89 -9.26 9.18 -5.75
CA LEU A 89 -9.72 9.34 -4.37
C LEU A 89 -8.82 8.65 -3.34
N HIS A 90 -7.83 7.88 -3.77
CA HIS A 90 -6.76 7.40 -2.91
C HIS A 90 -5.48 8.17 -3.23
N ALA A 91 -4.86 8.75 -2.19
CA ALA A 91 -3.74 9.66 -2.39
C ALA A 91 -2.63 9.05 -3.25
N SER A 92 -2.31 7.76 -3.03
CA SER A 92 -1.20 7.15 -3.77
C SER A 92 -1.54 6.91 -5.25
N THR A 93 -2.80 6.58 -5.56
CA THR A 93 -3.12 6.39 -6.99
C THR A 93 -3.29 7.73 -7.71
N ARG A 94 -3.89 8.72 -7.06
CA ARG A 94 -3.99 10.02 -7.71
C ARG A 94 -2.62 10.57 -8.04
N GLU A 95 -1.64 10.37 -7.13
CA GLU A 95 -0.26 10.75 -7.43
C GLU A 95 0.22 10.14 -8.75
N ARG A 96 -0.17 8.90 -9.03
CA ARG A 96 0.33 8.12 -10.16
C ARG A 96 -0.44 8.35 -11.47
N LEU A 97 -1.70 8.80 -11.40
CA LEU A 97 -2.54 8.91 -12.60
C LEU A 97 -1.91 9.71 -13.74
N PRO A 98 -1.38 10.91 -13.52
CA PRO A 98 -0.87 11.66 -14.68
C PRO A 98 0.34 11.01 -15.35
N GLY A 99 1.16 10.26 -14.61
CA GLY A 99 2.26 9.55 -15.24
C GLY A 99 1.99 8.10 -15.54
N ALA A 100 0.73 7.64 -15.43
CA ALA A 100 0.44 6.21 -15.52
C ALA A 100 0.90 5.63 -16.84
N ASP A 101 0.69 6.35 -17.94
CA ASP A 101 1.12 5.84 -19.23
C ASP A 101 2.63 5.62 -19.25
N GLU A 102 3.40 6.66 -18.94
CA GLU A 102 4.83 6.48 -18.78
C GLU A 102 5.16 5.33 -17.83
N TRP A 103 4.44 5.22 -16.70
CA TRP A 103 4.72 4.19 -15.71
C TRP A 103 4.56 2.78 -16.31
N MET A 104 3.46 2.54 -17.01
CA MET A 104 3.29 1.21 -17.57
C MET A 104 4.28 0.94 -18.71
N ARG A 105 4.51 1.95 -19.58
CA ARG A 105 5.50 1.80 -20.63
CA ARG A 105 5.51 1.82 -20.64
C ARG A 105 6.86 1.37 -20.07
N ARG A 106 7.24 1.94 -18.94
CA ARG A 106 8.54 1.63 -18.33
C ARG A 106 8.62 0.45 -17.35
N VAL A 107 7.50 0.05 -16.78
CA VAL A 107 7.52 -1.05 -15.79
C VAL A 107 6.96 -2.36 -16.36
N SER A 108 5.92 -2.31 -17.20
CA SER A 108 5.25 -3.56 -17.56
C SER A 108 6.13 -4.57 -18.28
N PRO A 109 7.03 -4.19 -19.21
CA PRO A 109 7.89 -5.24 -19.78
C PRO A 109 8.68 -5.97 -18.72
N PHE A 110 8.98 -5.32 -17.58
CA PHE A 110 9.65 -6.03 -16.50
C PHE A 110 8.75 -7.07 -15.87
N LEU A 111 7.43 -6.83 -15.82
CA LEU A 111 6.56 -7.76 -15.10
C LEU A 111 6.37 -9.03 -15.92
N GLY A 112 6.30 -8.87 -17.24
CA GLY A 112 6.12 -9.98 -18.14
C GLY A 112 4.67 -10.10 -18.57
N ALA A 113 4.48 -10.74 -19.71
CA ALA A 113 3.15 -10.95 -20.26
C ALA A 113 2.34 -11.84 -19.32
N ASP A 114 1.10 -11.43 -19.05
CA ASP A 114 0.16 -12.12 -18.16
C ASP A 114 0.87 -12.60 -16.88
N ALA A 115 1.60 -11.69 -16.23
CA ALA A 115 2.28 -12.07 -15.01
C ALA A 115 1.28 -12.29 -13.87
N ARG A 116 1.65 -13.17 -12.93
CA ARG A 116 1.00 -13.23 -11.63
C ARG A 116 1.69 -12.23 -10.75
N VAL A 117 0.96 -11.24 -10.26
CA VAL A 117 1.56 -10.07 -9.60
C VAL A 117 1.00 -9.95 -8.19
N LEU A 118 1.87 -9.86 -7.19
CA LEU A 118 1.43 -9.53 -5.83
C LEU A 118 1.54 -8.01 -5.67
N ASP A 119 0.51 -7.35 -5.15
CA ASP A 119 0.58 -5.88 -4.95
C ASP A 119 0.51 -5.68 -3.45
N LEU A 120 1.65 -5.36 -2.80
CA LEU A 120 1.73 -5.41 -1.34
C LEU A 120 1.41 -4.02 -0.81
N ALA A 121 0.48 -3.96 0.14
CA ALA A 121 -0.04 -2.69 0.60
C ALA A 121 -0.62 -1.95 -0.58
N CYS A 122 -1.61 -2.59 -1.22
CA CYS A 122 -2.01 -2.29 -2.58
C CYS A 122 -2.84 -1.03 -2.70
N GLY A 123 -3.46 -0.58 -1.62
CA GLY A 123 -4.38 0.55 -1.73
C GLY A 123 -5.40 0.29 -2.80
N LEU A 124 -5.60 1.25 -3.71
CA LEU A 124 -6.44 1.02 -4.88
C LEU A 124 -5.63 0.72 -6.15
N ASN A 125 -4.33 0.50 -6.04
CA ASN A 125 -3.52 0.34 -7.24
C ASN A 125 -3.96 -0.83 -8.12
N PRO A 126 -4.51 -1.94 -7.61
CA PRO A 126 -4.90 -3.04 -8.53
C PRO A 126 -6.03 -2.68 -9.47
N ILE A 127 -6.82 -1.66 -9.14
CA ILE A 127 -7.81 -1.18 -10.10
C ILE A 127 -7.13 -0.40 -11.22
N LEU A 128 -6.13 0.42 -10.89
CA LEU A 128 -5.34 1.11 -11.91
C LEU A 128 -4.65 0.13 -12.84
N LEU A 129 -3.90 -0.82 -12.25
CA LEU A 129 -3.32 -1.93 -13.02
C LEU A 129 -4.32 -2.63 -13.90
N GLY A 130 -5.42 -3.07 -13.32
CA GLY A 130 -6.37 -3.86 -14.09
C GLY A 130 -6.89 -3.12 -15.30
N SER A 131 -7.08 -1.80 -15.18
CA SER A 131 -7.55 -1.05 -16.33
C SER A 131 -6.53 -1.07 -17.47
N MET A 132 -5.25 -1.28 -17.16
CA MET A 132 -4.17 -1.21 -18.12
C MET A 132 -3.69 -2.60 -18.56
N GLY A 133 -4.52 -3.63 -18.34
CA GLY A 133 -4.27 -4.97 -18.83
C GLY A 133 -3.58 -5.89 -17.87
N VAL A 134 -3.21 -5.42 -16.68
CA VAL A 134 -2.61 -6.27 -15.65
C VAL A 134 -3.76 -6.72 -14.76
N THR A 135 -4.32 -7.89 -15.07
CA THR A 135 -5.56 -8.35 -14.45
C THR A 135 -5.38 -9.66 -13.68
N ASN A 136 -4.14 -9.99 -13.34
CA ASN A 136 -3.87 -11.19 -12.56
C ASN A 136 -3.03 -10.82 -11.34
N ALA A 137 -3.55 -9.90 -10.50
CA ALA A 137 -2.80 -9.48 -9.33
C ALA A 137 -3.51 -9.91 -8.06
N LEU A 138 -2.74 -10.01 -6.97
CA LEU A 138 -3.34 -10.29 -5.67
C LEU A 138 -2.91 -9.13 -4.82
N GLY A 139 -3.85 -8.23 -4.51
CA GLY A 139 -3.52 -7.14 -3.63
C GLY A 139 -3.62 -7.54 -2.18
N MET A 140 -2.90 -6.81 -1.32
CA MET A 140 -3.14 -7.09 0.09
C MET A 140 -2.89 -5.82 0.86
N ASP A 141 -3.64 -5.63 1.94
CA ASP A 141 -3.54 -4.37 2.66
C ASP A 141 -4.22 -4.55 4.02
N ILE A 142 -3.97 -3.60 4.93
CA ILE A 142 -4.68 -3.60 6.21
C ILE A 142 -5.99 -2.83 6.12
N HIS A 143 -6.16 -2.06 5.05
CA HIS A 143 -7.35 -1.26 4.78
C HIS A 143 -8.38 -2.13 4.08
N LEU A 144 -9.34 -2.63 4.86
CA LEU A 144 -10.37 -3.49 4.30
C LEU A 144 -11.31 -2.74 3.37
N GLY A 145 -11.34 -1.41 3.43
CA GLY A 145 -12.11 -0.69 2.42
C GLY A 145 -11.47 -0.82 1.06
N CYS A 146 -10.15 -0.64 0.99
CA CYS A 146 -9.42 -0.89 -0.26
C CYS A 146 -9.65 -2.32 -0.75
N VAL A 147 -9.46 -3.29 0.14
CA VAL A 147 -9.63 -4.69 -0.22
C VAL A 147 -11.01 -4.90 -0.83
N ARG A 148 -12.04 -4.34 -0.19
CA ARG A 148 -13.39 -4.61 -0.66
C ARG A 148 -13.63 -4.04 -2.04
N LEU A 149 -13.17 -2.80 -2.26
CA LEU A 149 -13.36 -2.14 -3.56
C LEU A 149 -12.65 -2.90 -4.67
N VAL A 150 -11.44 -3.38 -4.39
CA VAL A 150 -10.69 -4.13 -5.38
C VAL A 150 -11.43 -5.39 -5.79
N ASN A 151 -11.89 -6.18 -4.81
CA ASN A 151 -12.58 -7.43 -5.13
C ASN A 151 -13.87 -7.18 -5.89
N GLU A 152 -14.64 -6.18 -5.47
CA GLU A 152 -15.89 -5.87 -6.16
C GLU A 152 -15.65 -5.44 -7.60
N THR A 153 -14.69 -4.54 -7.80
CA THR A 153 -14.43 -4.05 -9.15
C THR A 153 -13.93 -5.19 -10.04
N ALA A 154 -13.02 -6.03 -9.50
CA ALA A 154 -12.46 -7.11 -10.29
C ALA A 154 -13.52 -8.12 -10.71
N ARG A 155 -14.39 -8.56 -9.79
CA ARG A 155 -15.42 -9.50 -10.17
CA ARG A 155 -15.44 -9.50 -10.16
C ARG A 155 -16.38 -8.91 -11.21
N ALA A 156 -16.67 -7.62 -11.12
CA ALA A 156 -17.55 -6.97 -12.09
C ALA A 156 -16.89 -6.82 -13.46
N ARG A 157 -15.57 -6.74 -13.52
CA ARG A 157 -14.87 -6.57 -14.79
C ARG A 157 -14.40 -7.89 -15.37
N GLY A 158 -14.56 -9.00 -14.64
CA GLY A 158 -14.09 -10.29 -15.09
C GLY A 158 -12.60 -10.52 -14.94
N TRP A 159 -11.94 -9.78 -14.05
CA TRP A 159 -10.51 -9.94 -13.80
C TRP A 159 -10.26 -11.12 -12.85
N HIS A 160 -9.07 -11.71 -12.97
CA HIS A 160 -8.67 -12.69 -11.98
C HIS A 160 -8.16 -12.03 -10.72
N THR A 161 -7.88 -10.73 -10.81
CA THR A 161 -7.38 -9.96 -9.69
C THR A 161 -8.30 -10.04 -8.49
N ARG A 162 -7.69 -10.12 -7.29
CA ARG A 162 -8.40 -10.20 -6.02
C ARG A 162 -7.55 -9.46 -5.00
N ALA A 163 -8.13 -9.18 -3.82
CA ALA A 163 -7.35 -8.62 -2.73
C ALA A 163 -7.76 -9.29 -1.41
N ARG A 164 -6.86 -9.24 -0.43
CA ARG A 164 -7.17 -9.83 0.86
C ARG A 164 -6.51 -9.03 1.96
N ALA A 165 -7.03 -9.17 3.17
CA ALA A 165 -6.40 -8.55 4.33
C ALA A 165 -4.97 -9.03 4.55
N CYS A 166 -4.07 -8.12 4.90
CA CYS A 166 -2.71 -8.56 5.23
C CYS A 166 -2.02 -7.48 6.05
N ASP A 167 -1.48 -7.82 7.22
CA ASP A 167 -0.63 -6.88 7.98
C ASP A 167 0.81 -7.34 7.78
N LEU A 168 1.57 -6.56 7.02
CA LEU A 168 2.96 -6.87 6.66
C LEU A 168 3.95 -6.78 7.82
N LEU A 169 3.53 -6.37 9.02
CA LEU A 169 4.38 -6.49 10.18
C LEU A 169 4.25 -7.84 10.84
N SER A 170 3.15 -8.53 10.62
CA SER A 170 3.05 -9.82 11.24
C SER A 170 2.98 -10.96 10.25
N GLU A 171 3.04 -10.66 8.94
CA GLU A 171 2.99 -11.73 7.95
C GLU A 171 3.97 -11.41 6.84
N ILE A 172 4.77 -12.38 6.42
CA ILE A 172 5.53 -12.26 5.17
C ILE A 172 4.78 -13.04 4.14
N PRO A 173 4.16 -12.41 3.14
CA PRO A 173 3.28 -13.14 2.20
C PRO A 173 3.98 -14.34 1.62
N ALA A 174 3.27 -15.48 1.66
CA ALA A 174 3.82 -16.77 1.22
C ALA A 174 3.45 -17.13 -0.22
N GLU A 175 2.70 -16.28 -0.91
CA GLU A 175 2.25 -16.62 -2.25
C GLU A 175 3.43 -16.68 -3.21
N GLU A 176 3.28 -17.53 -4.23
CA GLU A 176 4.16 -17.56 -5.39
C GLU A 176 3.71 -16.54 -6.42
N ALA A 177 4.66 -15.81 -7.01
CA ALA A 177 4.27 -14.90 -8.06
C ALA A 177 5.44 -14.64 -9.00
N ASP A 178 5.11 -14.08 -10.15
CA ASP A 178 6.15 -13.67 -11.10
C ASP A 178 6.79 -12.36 -10.68
N ALA A 179 6.02 -11.49 -10.03
CA ALA A 179 6.56 -10.20 -9.63
C ALA A 179 5.81 -9.73 -8.40
N ALA A 180 6.47 -8.92 -7.54
CA ALA A 180 5.78 -8.28 -6.44
C ALA A 180 6.07 -6.78 -6.47
N LEU A 181 5.04 -6.01 -6.15
CA LEU A 181 5.08 -4.56 -6.16
C LEU A 181 5.12 -4.14 -4.71
N LEU A 182 6.09 -3.28 -4.36
CA LEU A 182 6.22 -2.69 -3.04
C LEU A 182 6.28 -1.19 -3.27
N MET A 183 5.12 -0.59 -3.55
CA MET A 183 5.10 0.78 -4.06
C MET A 183 4.75 1.73 -2.91
N LYS A 184 5.62 2.73 -2.66
CA LYS A 184 5.42 3.73 -1.61
C LYS A 184 5.15 3.06 -0.28
N LEU A 185 5.87 2.01 -0.03
CA LEU A 185 5.61 1.13 1.10
C LEU A 185 6.78 1.03 2.07
N LEU A 186 8.01 0.88 1.57
CA LEU A 186 9.09 0.54 2.51
C LEU A 186 9.31 1.61 3.59
N PRO A 187 9.22 2.93 3.31
CA PRO A 187 9.44 3.87 4.43
C PRO A 187 8.42 3.72 5.54
N VAL A 188 7.16 3.48 5.20
CA VAL A 188 6.19 3.42 6.29
C VAL A 188 6.30 2.09 7.00
N LEU A 189 6.72 1.03 6.29
CA LEU A 189 6.92 -0.24 6.99
C LEU A 189 8.11 -0.13 7.95
N GLU A 190 9.19 0.49 7.52
CA GLU A 190 10.39 0.61 8.35
C GLU A 190 10.15 1.54 9.52
N ALA A 191 9.22 2.50 9.36
CA ALA A 191 8.81 3.35 10.47
C ALA A 191 8.09 2.56 11.53
N GLN A 192 7.45 1.46 11.15
CA GLN A 192 6.74 0.64 12.11
C GLN A 192 7.64 -0.40 12.78
N LYS A 193 8.71 -0.85 12.10
CA LYS A 193 9.62 -1.82 12.71
C LYS A 193 10.95 -1.77 12.00
N THR A 194 12.02 -1.44 12.72
CA THR A 194 13.37 -1.41 12.13
C THR A 194 13.77 -2.79 11.62
N GLY A 195 14.30 -2.83 10.42
CA GLY A 195 14.70 -4.08 9.83
C GLY A 195 13.64 -4.77 9.01
N ARG A 196 12.38 -4.28 9.05
CA ARG A 196 11.28 -5.04 8.47
C ARG A 196 11.32 -4.97 6.95
N ALA A 197 11.77 -3.85 6.39
CA ALA A 197 11.91 -3.76 4.93
C ALA A 197 12.86 -4.83 4.41
N ALA A 198 14.06 -4.91 5.00
CA ALA A 198 15.01 -5.91 4.52
C ALA A 198 14.50 -7.33 4.74
N GLU A 199 13.75 -7.56 5.82
CA GLU A 199 13.26 -8.92 6.07
C GLU A 199 12.21 -9.30 5.04
N LEU A 200 11.34 -8.35 4.69
CA LEU A 200 10.34 -8.58 3.67
C LEU A 200 10.96 -8.82 2.30
N LEU A 201 11.88 -7.94 1.88
CA LEU A 201 12.51 -8.12 0.56
C LEU A 201 13.22 -9.47 0.45
N ALA A 202 13.92 -9.89 1.51
CA ALA A 202 14.69 -11.13 1.42
C ALA A 202 13.82 -12.39 1.39
N SER A 203 12.55 -12.31 1.78
CA SER A 203 11.72 -13.50 1.94
C SER A 203 10.60 -13.66 0.91
N LEU A 204 10.26 -12.60 0.16
CA LEU A 204 9.22 -12.71 -0.86
C LEU A 204 9.58 -13.77 -1.90
N ARG A 205 8.58 -14.54 -2.31
CA ARG A 205 8.82 -15.64 -3.24
C ARG A 205 8.50 -15.22 -4.66
N ALA A 206 9.02 -14.07 -5.11
CA ALA A 206 8.86 -13.60 -6.47
C ALA A 206 10.24 -13.21 -6.99
N PRO A 207 10.58 -13.56 -8.22
CA PRO A 207 11.93 -13.25 -8.72
C PRO A 207 12.12 -11.81 -9.13
N ARG A 208 11.05 -11.03 -9.34
CA ARG A 208 11.19 -9.64 -9.75
C ARG A 208 10.38 -8.80 -8.81
N LEU A 209 10.92 -7.66 -8.39
CA LEU A 209 10.25 -6.75 -7.45
C LEU A 209 10.27 -5.36 -8.07
N VAL A 210 9.17 -4.63 -7.87
CA VAL A 210 9.12 -3.19 -8.21
C VAL A 210 8.99 -2.46 -6.91
N VAL A 211 10.00 -1.64 -6.58
CA VAL A 211 10.04 -0.97 -5.27
C VAL A 211 10.04 0.52 -5.53
N THR A 212 9.12 1.27 -4.94
CA THR A 212 9.09 2.70 -5.25
C THR A 212 9.04 3.56 -4.00
N PHE A 213 9.43 4.82 -4.20
CA PHE A 213 9.44 5.78 -3.08
C PHE A 213 8.85 7.10 -3.55
N PRO A 214 8.14 7.81 -2.68
CA PRO A 214 7.67 9.13 -3.07
C PRO A 214 8.82 10.13 -3.05
N THR A 215 8.88 10.96 -4.05
CA THR A 215 9.82 12.08 -4.04
C THR A 215 8.95 13.28 -3.69
N ARG A 216 9.00 13.70 -2.43
CA ARG A 216 8.05 14.70 -1.97
C ARG A 216 8.40 16.11 -2.45
N THR A 217 8.85 16.24 -3.70
CA THR A 217 9.16 17.53 -4.31
C THR A 217 7.91 18.11 -4.97
N LEU A 218 7.81 19.43 -4.96
CA LEU A 218 6.60 20.08 -5.39
C LEU A 218 6.93 21.37 -6.15
N GLY A 219 8.06 21.36 -6.86
CA GLY A 219 8.61 22.54 -7.50
C GLY A 219 9.92 23.00 -6.88
N GLY A 220 10.19 22.61 -5.65
CA GLY A 220 11.48 22.85 -5.03
C GLY A 220 12.07 21.52 -4.66
N ARG A 221 13.34 21.54 -4.41
CA ARG A 221 14.04 20.31 -4.18
C ARG A 221 13.90 19.74 -2.81
N GLY A 222 13.25 20.48 -1.96
CA GLY A 222 12.92 20.08 -0.67
C GLY A 222 14.23 19.78 0.03
N VAL A 223 14.06 18.89 0.99
CA VAL A 223 15.18 18.50 1.84
C VAL A 223 15.97 17.33 1.23
N GLY A 224 15.68 16.96 -0.03
CA GLY A 224 16.46 15.89 -0.63
C GLY A 224 15.99 14.49 -0.34
N MET A 225 14.66 14.29 -0.28
CA MET A 225 14.09 12.99 0.06
C MET A 225 14.48 11.92 -0.94
N GLU A 226 14.50 12.26 -2.24
CA GLU A 226 14.78 11.23 -3.23
C GLU A 226 16.15 10.61 -3.00
N LYS A 227 17.18 11.44 -2.90
CA LYS A 227 18.50 10.90 -2.63
C LYS A 227 18.55 10.19 -1.29
N HIS A 228 17.81 10.68 -0.30
CA HIS A 228 17.88 10.00 0.99
C HIS A 228 17.30 8.59 0.91
N TYR A 229 16.13 8.44 0.26
CA TYR A 229 15.55 7.10 0.04
C TYR A 229 16.47 6.20 -0.78
N ALA A 230 17.05 6.75 -1.84
CA ALA A 230 17.97 5.97 -2.67
C ALA A 230 19.14 5.43 -1.86
N ASP A 231 19.78 6.30 -1.06
CA ASP A 231 20.91 5.85 -0.25
C ASP A 231 20.46 4.79 0.72
N TRP A 232 19.29 4.99 1.34
CA TRP A 232 18.83 4.03 2.33
C TRP A 232 18.53 2.71 1.67
N PHE A 233 17.81 2.77 0.57
CA PHE A 233 17.50 1.53 -0.14
C PHE A 233 18.77 0.79 -0.54
N GLU A 234 19.76 1.50 -1.08
CA GLU A 234 20.93 0.76 -1.54
C GLU A 234 21.66 0.13 -0.35
N ARG A 235 21.49 0.70 0.83
CA ARG A 235 22.17 0.19 2.00
C ARG A 235 21.43 -1.02 2.57
N ILE A 236 20.11 -1.03 2.53
CA ILE A 236 19.39 -2.15 3.19
C ILE A 236 19.09 -3.26 2.20
N LEU A 237 19.27 -3.04 0.90
CA LEU A 237 18.87 -4.08 -0.04
C LEU A 237 19.63 -5.38 0.26
N PRO A 238 18.94 -6.51 0.48
CA PRO A 238 19.66 -7.79 0.69
C PRO A 238 20.59 -8.14 -0.46
N ASP A 239 21.71 -8.80 -0.12
CA ASP A 239 22.71 -9.12 -1.15
C ASP A 239 22.20 -10.10 -2.18
N THR A 240 21.14 -10.86 -1.87
CA THR A 240 20.57 -11.77 -2.83
C THR A 240 19.79 -11.06 -3.93
N LEU A 241 19.61 -9.74 -3.83
CA LEU A 241 18.83 -8.97 -4.79
C LEU A 241 19.75 -7.98 -5.51
N SER A 242 19.38 -7.62 -6.73
CA SER A 242 20.16 -6.66 -7.50
C SER A 242 19.22 -5.71 -8.19
N VAL A 243 19.57 -4.41 -8.17
CA VAL A 243 18.85 -3.41 -8.93
C VAL A 243 19.15 -3.61 -10.41
N ARG A 244 18.10 -3.85 -11.18
CA ARG A 244 18.25 -3.91 -12.63
C ARG A 244 18.12 -2.51 -13.25
N ASP A 245 17.28 -1.64 -12.70
CA ASP A 245 17.06 -0.32 -13.27
C ASP A 245 16.46 0.60 -12.23
N ARG A 246 16.65 1.92 -12.43
CA ARG A 246 16.09 2.96 -11.58
C ARG A 246 15.66 4.16 -12.44
N PHE A 247 14.49 4.74 -12.17
CA PHE A 247 14.06 5.97 -12.87
C PHE A 247 12.93 6.61 -12.09
N THR A 248 12.65 7.88 -12.38
CA THR A 248 11.60 8.61 -11.65
C THR A 248 10.46 9.05 -12.58
N VAL A 249 9.21 8.70 -12.20
CA VAL A 249 7.97 8.95 -12.97
C VAL A 249 6.99 9.66 -12.04
N SER A 250 6.70 10.92 -12.30
CA SER A 250 5.60 11.62 -11.63
C SER A 250 5.74 11.62 -10.09
N ASP A 251 6.91 12.05 -9.63
CA ASP A 251 7.30 12.14 -8.21
C ASP A 251 7.28 10.78 -7.53
N GLU A 252 7.57 9.71 -8.29
CA GLU A 252 7.76 8.38 -7.74
C GLU A 252 9.12 7.88 -8.22
N LEU A 253 10.02 7.58 -7.27
CA LEU A 253 11.30 6.94 -7.62
C LEU A 253 11.08 5.43 -7.70
N VAL A 254 11.38 4.83 -8.86
CA VAL A 254 11.02 3.44 -9.16
C VAL A 254 12.30 2.63 -9.35
N TYR A 255 12.39 1.48 -8.68
CA TYR A 255 13.48 0.51 -8.82
C TYR A 255 12.93 -0.80 -9.36
N LEU A 256 13.58 -1.34 -10.38
CA LEU A 256 13.28 -2.69 -10.86
C LEU A 256 14.36 -3.61 -10.31
N VAL A 257 13.96 -4.62 -9.57
CA VAL A 257 14.86 -5.38 -8.73
C VAL A 257 14.74 -6.85 -9.10
N GLU A 258 15.88 -7.51 -9.21
CA GLU A 258 15.93 -8.89 -9.68
C GLU A 258 16.60 -9.77 -8.66
N ARG A 259 16.10 -10.98 -8.50
CA ARG A 259 16.69 -11.89 -7.54
CA ARG A 259 16.68 -11.90 -7.54
C ARG A 259 17.91 -12.52 -8.17
N THR A 260 19.05 -12.33 -7.53
CA THR A 260 20.31 -12.93 -7.97
C THR A 260 20.59 -14.20 -7.12
#